data_1P5M
#
_entry.id   1P5M
#
_entity_poly.entity_id   1
_entity_poly.type   'polyribonucleotide'
_entity_poly.pdbx_seq_one_letter_code
;GGCUGUGAGGAACUACUGUCUUCACGCCUUCGGGAGUGUCGUGCAGCCUCCAGCC
;
_entity_poly.pdbx_strand_id   A
#
loop_
_chem_comp.id
_chem_comp.type
_chem_comp.name
_chem_comp.formula
A RNA linking ADENOSINE-5'-MONOPHOSPHATE 'C10 H14 N5 O7 P'
C RNA linking CYTIDINE-5'-MONOPHOSPHATE 'C9 H14 N3 O8 P'
G RNA linking GUANOSINE-5'-MONOPHOSPHATE 'C10 H14 N5 O8 P'
U RNA linking URIDINE-5'-MONOPHOSPHATE 'C9 H13 N2 O9 P'
#